data_5Z0S
#
_entry.id   5Z0S
#
_cell.length_a   210.130
_cell.length_b   57.980
_cell.length_c   65.360
_cell.angle_alpha   90.000
_cell.angle_beta   107.380
_cell.angle_gamma   90.000
#
_symmetry.space_group_name_H-M   'C 1 2 1'
#
loop_
_entity.id
_entity.type
_entity.pdbx_description
1 polymer 'Fibroblast growth factor receptor 1'
2 non-polymer 1-[(6-chloroimidazo[1,2-b]pyridazin-3-yl)sulfonyl]-6-(1-methyl-1H-pyrazol-4-yl)-1H-pyrazolo[4,3-b]pyridine
3 water water
#
_entity_poly.entity_id   1
_entity_poly.type   'polypeptide(L)'
_entity_poly.pdbx_seq_one_letter_code
;AGVSEYELPEDPRWELPRDRLVLGKPLGEGAFGQVVLAEAIGLDKDKPNRVTKVAVKMLKSDATEKDLSDLISEMEMMKM
IGKHKNIINLLGACTQDGPLYVIVEYASKGNLREYLQARRPPGLEYSYNPSHNPEEQLSSKDLVSCAYQVARGMEYLASK
KCIHRDLAARNVLVTEDNVMKIADFGLARDIHHIDYYKKTTNGRLPVKWMAPEALFDRIYTHQSDVWSFGVLLWEIFTLG
GSPYPGVPVEELFKLLKEGHRMDKPSNCTNELYMMMRDCWHAVPSQRPTFKQLVEDLDRIVALTSNQE
;
_entity_poly.pdbx_strand_id   A,B
#
# COMPACT_ATOMS: atom_id res chain seq x y z
N GLU A 7 -46.87 4.76 8.59
CA GLU A 7 -46.86 5.99 7.80
C GLU A 7 -46.14 5.78 6.46
N LEU A 8 -45.22 4.79 6.41
CA LEU A 8 -44.36 4.50 5.27
C LEU A 8 -44.80 3.22 4.57
N PRO A 9 -44.78 3.17 3.24
CA PRO A 9 -45.31 2.00 2.54
C PRO A 9 -44.34 0.82 2.61
N GLU A 10 -44.89 -0.39 2.69
CA GLU A 10 -44.02 -1.55 2.71
C GLU A 10 -43.43 -1.80 1.33
N ASP A 11 -42.24 -2.40 1.32
CA ASP A 11 -41.58 -2.84 0.09
C ASP A 11 -40.83 -4.13 0.43
N PRO A 12 -41.46 -5.28 0.17
CA PRO A 12 -40.83 -6.57 0.53
C PRO A 12 -39.56 -6.85 -0.26
N ARG A 13 -39.29 -6.10 -1.33
CA ARG A 13 -38.02 -6.31 -2.04
C ARG A 13 -36.82 -5.95 -1.17
N TRP A 14 -36.98 -5.02 -0.22
CA TRP A 14 -35.87 -4.48 0.54
C TRP A 14 -36.01 -4.62 2.06
N GLU A 15 -37.19 -4.98 2.57
CA GLU A 15 -37.39 -4.94 4.01
C GLU A 15 -36.60 -6.03 4.71
N LEU A 16 -35.99 -5.66 5.84
CA LEU A 16 -35.31 -6.47 6.81
C LEU A 16 -35.95 -6.25 8.17
N PRO A 17 -36.24 -7.31 8.92
CA PRO A 17 -36.83 -7.12 10.26
C PRO A 17 -35.83 -6.43 11.17
N ARG A 18 -36.31 -5.46 11.95
CA ARG A 18 -35.46 -4.73 12.88
C ARG A 18 -34.55 -5.64 13.73
N ASP A 19 -35.06 -6.78 14.21
CA ASP A 19 -34.22 -7.57 15.10
C ASP A 19 -33.05 -8.26 14.40
N ARG A 20 -32.88 -8.10 13.09
CA ARG A 20 -31.69 -8.62 12.42
C ARG A 20 -30.52 -7.64 12.40
N LEU A 21 -30.69 -6.46 12.99
CA LEU A 21 -29.72 -5.39 12.93
C LEU A 21 -29.22 -5.12 14.35
N VAL A 22 -27.96 -5.42 14.63
CA VAL A 22 -27.34 -5.07 15.91
C VAL A 22 -26.63 -3.73 15.71
N LEU A 23 -27.21 -2.66 16.27
CA LEU A 23 -26.68 -1.32 16.03
C LEU A 23 -25.39 -1.09 16.80
N GLY A 24 -24.41 -0.44 16.16
CA GLY A 24 -23.08 -0.20 16.71
C GLY A 24 -22.65 1.26 16.82
N LYS A 25 -21.35 1.53 16.68
CA LYS A 25 -20.83 2.87 16.97
C LYS A 25 -21.27 3.90 15.93
N PRO A 26 -21.51 5.16 16.33
CA PRO A 26 -21.74 6.21 15.35
C PRO A 26 -20.56 6.31 14.39
N LEU A 27 -20.85 6.62 13.13
CA LEU A 27 -19.81 6.53 12.12
C LEU A 27 -19.26 7.89 11.72
N GLY A 28 -20.12 8.81 11.29
CA GLY A 28 -19.60 9.98 10.60
C GLY A 28 -19.27 11.18 11.46
N GLU A 29 -19.23 10.99 12.77
CA GLU A 29 -19.16 12.12 13.69
C GLU A 29 -20.33 13.08 13.47
N GLY A 30 -21.33 12.67 12.69
CA GLY A 30 -22.48 13.48 12.37
C GLY A 30 -22.41 14.18 11.03
N ALA A 31 -21.23 14.19 10.39
CA ALA A 31 -21.03 15.02 9.20
C ALA A 31 -21.89 14.59 8.02
N PHE A 32 -22.21 13.31 7.89
CA PHE A 32 -22.90 12.75 6.74
C PHE A 32 -24.25 12.17 7.10
N GLY A 33 -24.94 12.82 8.06
CA GLY A 33 -26.22 12.31 8.53
C GLY A 33 -25.98 11.39 9.71
N GLN A 34 -27.08 10.90 10.27
CA GLN A 34 -27.01 10.00 11.43
C GLN A 34 -26.70 8.59 10.95
N VAL A 35 -25.44 8.19 11.05
CA VAL A 35 -24.98 6.94 10.44
C VAL A 35 -24.20 6.16 11.48
N VAL A 36 -24.47 4.86 11.57
CA VAL A 36 -23.86 4.01 12.57
C VAL A 36 -23.35 2.74 11.89
N LEU A 37 -22.23 2.22 12.38
CA LEU A 37 -21.86 0.86 12.04
C LEU A 37 -22.90 -0.09 12.62
N ALA A 38 -23.14 -1.21 11.96
CA ALA A 38 -24.07 -2.18 12.49
C ALA A 38 -23.76 -3.55 11.91
N GLU A 39 -24.26 -4.58 12.58
CA GLU A 39 -24.16 -5.95 12.08
C GLU A 39 -25.55 -6.45 11.74
N ALA A 40 -25.69 -7.01 10.55
CA ALA A 40 -26.95 -7.54 10.06
C ALA A 40 -26.86 -9.05 10.03
N ILE A 41 -27.77 -9.69 10.76
CA ILE A 41 -27.84 -11.15 10.80
C ILE A 41 -28.70 -11.60 9.62
N GLY A 42 -28.14 -12.46 8.77
CA GLY A 42 -28.89 -13.07 7.71
C GLY A 42 -29.50 -12.12 6.70
N LEU A 43 -28.64 -11.31 6.06
CA LEU A 43 -29.06 -10.50 4.92
C LEU A 43 -29.39 -11.40 3.73
N ASP A 44 -28.51 -12.36 3.44
CA ASP A 44 -28.67 -13.27 2.30
C ASP A 44 -29.37 -14.57 2.71
N LYS A 47 -27.70 -18.51 3.82
CA LYS A 47 -26.94 -17.49 4.53
C LYS A 47 -27.48 -16.88 5.87
N PRO A 48 -28.53 -17.47 6.50
CA PRO A 48 -29.22 -16.76 7.59
C PRO A 48 -28.45 -16.67 8.90
N ASN A 49 -27.37 -17.43 9.07
CA ASN A 49 -26.61 -17.39 10.30
C ASN A 49 -25.27 -16.68 10.15
N ARG A 50 -25.07 -15.91 9.08
CA ARG A 50 -23.90 -15.06 8.91
C ARG A 50 -24.26 -13.62 9.24
N VAL A 51 -23.29 -12.89 9.81
CA VAL A 51 -23.43 -11.45 10.02
C VAL A 51 -22.61 -10.73 8.96
N THR A 52 -23.08 -9.55 8.60
CA THR A 52 -22.42 -8.67 7.65
C THR A 52 -22.33 -7.30 8.28
N LYS A 53 -21.13 -6.73 8.29
CA LYS A 53 -20.96 -5.35 8.71
C LYS A 53 -21.58 -4.45 7.66
N VAL A 54 -22.43 -3.52 8.12
CA VAL A 54 -23.14 -2.60 7.25
C VAL A 54 -23.15 -1.25 7.94
N ALA A 55 -23.53 -0.22 7.19
CA ALA A 55 -23.73 1.12 7.72
C ALA A 55 -25.22 1.39 7.66
N VAL A 56 -25.74 2.09 8.67
CA VAL A 56 -27.17 2.35 8.76
C VAL A 56 -27.40 3.85 8.89
N LYS A 57 -28.31 4.37 8.07
CA LYS A 57 -28.62 5.79 8.07
C LYS A 57 -30.04 6.00 8.57
N MET A 58 -30.22 6.97 9.46
CA MET A 58 -31.50 7.30 10.07
C MET A 58 -31.59 8.81 10.19
N LEU A 59 -32.68 9.29 10.81
CA LEU A 59 -32.92 10.71 11.01
C LEU A 59 -32.50 11.15 12.41
N LYS A 60 -32.01 12.39 12.50
CA LYS A 60 -31.62 12.95 13.80
C LYS A 60 -32.85 13.13 14.69
N SER A 61 -32.60 13.54 15.94
CA SER A 61 -33.70 13.78 16.88
C SER A 61 -34.60 14.91 16.39
N ASP A 62 -34.02 16.09 16.18
CA ASP A 62 -34.73 17.24 15.62
C ASP A 62 -34.67 17.13 14.10
N ALA A 63 -35.60 16.36 13.54
CA ALA A 63 -35.72 16.15 12.09
C ALA A 63 -37.14 16.48 11.66
N THR A 64 -37.26 17.25 10.58
CA THR A 64 -38.56 17.76 10.14
C THR A 64 -39.26 16.77 9.21
N GLU A 65 -40.41 17.17 8.67
CA GLU A 65 -41.04 16.36 7.63
C GLU A 65 -40.20 16.38 6.37
N LYS A 66 -39.55 17.52 6.09
CA LYS A 66 -38.65 17.61 4.95
C LYS A 66 -37.46 16.67 5.11
N ASP A 67 -36.96 16.53 6.34
CA ASP A 67 -35.83 15.62 6.57
C ASP A 67 -36.21 14.18 6.27
N LEU A 68 -37.45 13.76 6.61
CA LEU A 68 -37.86 12.39 6.33
C LEU A 68 -38.09 12.19 4.85
N SER A 69 -38.69 13.19 4.20
CA SER A 69 -38.86 13.17 2.76
C SER A 69 -37.54 12.95 2.05
N ASP A 70 -36.50 13.67 2.48
CA ASP A 70 -35.19 13.58 1.84
C ASP A 70 -34.59 12.18 1.96
N LEU A 71 -34.66 11.57 3.15
CA LEU A 71 -34.05 10.26 3.35
C LEU A 71 -34.77 9.21 2.51
N ILE A 72 -36.11 9.33 2.39
CA ILE A 72 -36.86 8.41 1.55
C ILE A 72 -36.44 8.52 0.09
N SER A 73 -36.37 9.76 -0.42
CA SER A 73 -35.94 10.00 -1.80
C SER A 73 -34.62 9.34 -2.10
N GLU A 74 -33.66 9.53 -1.20
CA GLU A 74 -32.33 8.94 -1.36
C GLU A 74 -32.42 7.41 -1.38
N MET A 75 -33.20 6.82 -0.47
CA MET A 75 -33.38 5.37 -0.51
C MET A 75 -33.98 4.92 -1.84
N GLU A 76 -35.03 5.62 -2.29
CA GLU A 76 -35.68 5.28 -3.56
C GLU A 76 -34.73 5.46 -4.74
N MET A 77 -33.89 6.49 -4.70
CA MET A 77 -32.87 6.67 -5.72
C MET A 77 -31.91 5.48 -5.76
N MET A 78 -31.45 5.03 -4.59
CA MET A 78 -30.59 3.86 -4.55
C MET A 78 -31.30 2.64 -5.14
N LYS A 79 -32.59 2.46 -4.83
CA LYS A 79 -33.34 1.36 -5.44
C LYS A 79 -33.30 1.39 -6.97
N MET A 80 -33.58 2.55 -7.58
CA MET A 80 -33.65 2.63 -9.04
C MET A 80 -32.29 2.41 -9.70
N ILE A 81 -31.22 2.94 -9.11
CA ILE A 81 -29.94 3.04 -9.82
C ILE A 81 -29.31 1.68 -10.04
N GLY A 82 -29.56 0.74 -9.15
CA GLY A 82 -29.02 -0.59 -9.34
C GLY A 82 -27.59 -0.64 -8.87
N LYS A 83 -26.99 -1.81 -9.04
CA LYS A 83 -25.78 -2.16 -8.32
C LYS A 83 -24.54 -1.96 -9.17
N HIS A 84 -23.46 -1.51 -8.53
CA HIS A 84 -22.15 -1.50 -9.16
C HIS A 84 -21.05 -1.69 -8.12
N LYS A 85 -19.98 -2.36 -8.53
CA LYS A 85 -18.78 -2.56 -7.69
C LYS A 85 -18.28 -1.25 -7.05
N ASN A 86 -18.31 -0.14 -7.78
CA ASN A 86 -17.63 1.07 -7.34
C ASN A 86 -18.58 2.18 -6.87
N ILE A 87 -19.77 1.81 -6.38
CA ILE A 87 -20.64 2.74 -5.67
C ILE A 87 -21.12 2.09 -4.37
N ILE A 88 -21.60 2.91 -3.43
CA ILE A 88 -22.15 2.41 -2.18
C ILE A 88 -23.56 1.89 -2.48
N ASN A 89 -23.75 0.58 -2.30
CA ASN A 89 -24.98 -0.08 -2.72
C ASN A 89 -25.97 -0.18 -1.55
N LEU A 90 -27.26 -0.06 -1.89
CA LEU A 90 -28.31 -0.27 -0.92
C LEU A 90 -28.37 -1.76 -0.60
N LEU A 91 -28.56 -2.08 0.67
CA LEU A 91 -28.64 -3.47 1.09
C LEU A 91 -29.99 -3.87 1.66
N GLY A 92 -30.74 -2.93 2.22
CA GLY A 92 -32.03 -3.25 2.80
C GLY A 92 -32.54 -2.07 3.59
N ALA A 93 -33.66 -2.27 4.28
CA ALA A 93 -34.26 -1.17 5.03
C ALA A 93 -35.25 -1.72 6.05
N CYS A 94 -35.40 -0.95 7.12
CA CYS A 94 -36.43 -1.13 8.14
C CYS A 94 -37.34 0.09 8.09
N THR A 95 -38.54 -0.07 7.55
CA THR A 95 -39.46 1.04 7.35
C THR A 95 -40.73 0.93 8.18
N GLN A 96 -41.00 -0.23 8.78
CA GLN A 96 -42.24 -0.47 9.50
C GLN A 96 -41.99 -0.44 11.00
N ASP A 97 -42.97 0.12 11.73
CA ASP A 97 -43.07 -0.01 13.18
C ASP A 97 -41.80 0.47 13.88
N GLY A 98 -41.46 1.73 13.61
CA GLY A 98 -40.26 2.34 14.14
C GLY A 98 -39.60 3.34 13.20
N PRO A 99 -38.37 3.72 13.51
CA PRO A 99 -37.68 4.74 12.70
C PRO A 99 -37.09 4.17 11.41
N LEU A 100 -37.20 4.95 10.33
CA LEU A 100 -36.62 4.56 9.06
C LEU A 100 -35.13 4.28 9.18
N TYR A 101 -34.72 3.10 8.72
CA TYR A 101 -33.31 2.73 8.63
C TYR A 101 -33.02 2.39 7.19
N VAL A 102 -31.96 2.97 6.65
CA VAL A 102 -31.51 2.70 5.29
C VAL A 102 -30.17 2.01 5.45
N ILE A 103 -30.07 0.80 4.93
CA ILE A 103 -28.89 -0.03 5.14
C ILE A 103 -28.07 -0.04 3.86
N VAL A 104 -26.80 0.28 3.98
CA VAL A 104 -25.92 0.41 2.82
C VAL A 104 -24.61 -0.29 3.12
N GLU A 105 -23.82 -0.48 2.06
CA GLU A 105 -22.54 -1.15 2.18
C GLU A 105 -21.58 -0.33 3.05
N TYR A 106 -20.74 -1.03 3.83
CA TYR A 106 -19.87 -0.40 4.80
C TYR A 106 -18.44 -0.32 4.27
N ALA A 107 -17.84 0.87 4.41
CA ALA A 107 -16.49 1.16 3.91
C ALA A 107 -15.55 1.36 5.10
N SER A 108 -14.78 0.32 5.44
CA SER A 108 -14.12 0.31 6.73
C SER A 108 -12.92 1.23 6.80
N LYS A 109 -12.32 1.58 5.66
CA LYS A 109 -11.15 2.44 5.66
C LYS A 109 -11.48 3.91 5.48
N GLY A 110 -12.76 4.29 5.60
CA GLY A 110 -13.12 5.69 5.51
C GLY A 110 -12.95 6.26 4.10
N ASN A 111 -13.07 7.59 4.02
CA ASN A 111 -13.09 8.25 2.71
C ASN A 111 -11.70 8.27 2.08
N LEU A 112 -11.68 8.55 0.77
CA LEU A 112 -10.43 8.49 0.01
C LEU A 112 -9.44 9.57 0.42
N ARG A 113 -9.91 10.74 0.86
CA ARG A 113 -8.95 11.77 1.26
C ARG A 113 -8.14 11.32 2.47
N GLU A 114 -8.84 10.84 3.51
CA GLU A 114 -8.16 10.37 4.72
C GLU A 114 -7.27 9.19 4.40
N TYR A 115 -7.75 8.31 3.53
CA TYR A 115 -6.98 7.14 3.18
C TYR A 115 -5.68 7.54 2.48
N LEU A 116 -5.71 8.61 1.68
CA LEU A 116 -4.50 9.04 1.00
C LEU A 116 -3.55 9.73 1.97
N GLN A 117 -4.08 10.65 2.78
CA GLN A 117 -3.24 11.37 3.75
C GLN A 117 -2.57 10.40 4.72
N ALA A 118 -3.33 9.45 5.28
CA ALA A 118 -2.79 8.42 6.16
C ALA A 118 -1.70 7.57 5.53
N ARG A 119 -1.43 7.74 4.24
CA ARG A 119 -0.41 6.95 3.57
C ARG A 119 0.64 7.84 2.90
N ARG A 120 0.70 9.11 3.29
CA ARG A 120 1.80 9.97 2.89
C ARG A 120 3.11 9.48 3.50
N PRO A 121 4.23 9.67 2.81
CA PRO A 121 5.54 9.43 3.44
C PRO A 121 5.77 10.40 4.61
N PRO A 122 6.71 10.09 5.52
CA PRO A 122 6.97 10.95 6.69
C PRO A 122 7.88 12.14 6.42
N GLU A 135 -1.02 2.37 6.79
CA GLU A 135 0.00 3.43 6.78
C GLU A 135 1.07 3.24 5.68
N GLU A 136 1.14 2.06 5.04
CA GLU A 136 2.14 1.81 4.01
C GLU A 136 1.91 2.68 2.77
N GLN A 137 3.00 3.12 2.14
CA GLN A 137 2.90 4.04 1.02
C GLN A 137 2.29 3.34 -0.20
N LEU A 138 1.61 4.14 -1.02
CA LEU A 138 0.92 3.64 -2.19
C LEU A 138 1.83 3.79 -3.39
N SER A 139 1.94 2.73 -4.19
CA SER A 139 2.74 2.80 -5.40
C SER A 139 2.07 3.72 -6.44
N SER A 140 2.82 4.00 -7.50
CA SER A 140 2.25 4.77 -8.61
C SER A 140 1.05 4.05 -9.22
N LYS A 141 1.16 2.73 -9.39
CA LYS A 141 0.03 1.96 -9.91
C LYS A 141 -1.18 2.03 -8.97
N ASP A 142 -0.94 2.01 -7.65
CA ASP A 142 -2.06 2.10 -6.72
C ASP A 142 -2.84 3.39 -6.90
N LEU A 143 -2.14 4.49 -7.16
CA LEU A 143 -2.81 5.77 -7.26
C LEU A 143 -3.59 5.89 -8.58
N VAL A 144 -3.00 5.43 -9.68
CA VAL A 144 -3.74 5.44 -10.94
C VAL A 144 -4.88 4.45 -10.87
N SER A 145 -4.69 3.32 -10.16
CA SER A 145 -5.77 2.37 -10.00
C SER A 145 -6.94 2.96 -9.19
N CYS A 146 -6.63 3.68 -8.10
CA CYS A 146 -7.67 4.41 -7.37
C CYS A 146 -8.54 5.28 -8.30
N ALA A 147 -7.89 6.02 -9.22
CA ALA A 147 -8.62 6.93 -10.11
C ALA A 147 -9.48 6.16 -11.10
N TYR A 148 -8.95 5.09 -11.66
CA TYR A 148 -9.73 4.19 -12.53
C TYR A 148 -11.00 3.70 -11.83
N GLN A 149 -10.91 3.27 -10.57
CA GLN A 149 -12.10 2.78 -9.92
C GLN A 149 -13.12 3.89 -9.73
N VAL A 150 -12.68 5.09 -9.35
CA VAL A 150 -13.62 6.19 -9.13
C VAL A 150 -14.31 6.57 -10.44
N ALA A 151 -13.56 6.55 -11.55
CA ALA A 151 -14.14 6.86 -12.85
C ALA A 151 -15.09 5.77 -13.31
N ARG A 152 -14.83 4.52 -12.91
CA ARG A 152 -15.75 3.44 -13.22
C ARG A 152 -17.06 3.62 -12.48
N GLY A 153 -17.00 4.00 -11.21
CA GLY A 153 -18.23 4.22 -10.48
C GLY A 153 -19.02 5.36 -11.09
N MET A 154 -18.32 6.44 -11.44
CA MET A 154 -18.97 7.58 -12.09
C MET A 154 -19.50 7.21 -13.47
N GLU A 155 -18.72 6.46 -14.28
CA GLU A 155 -19.24 6.00 -15.56
C GLU A 155 -20.58 5.28 -15.41
N TYR A 156 -20.70 4.42 -14.38
CA TYR A 156 -21.93 3.69 -14.17
C TYR A 156 -23.05 4.62 -13.77
N LEU A 157 -22.78 5.51 -12.80
CA LEU A 157 -23.79 6.48 -12.37
C LEU A 157 -24.28 7.33 -13.55
N ALA A 158 -23.35 7.81 -14.39
CA ALA A 158 -23.72 8.60 -15.56
C ALA A 158 -24.56 7.79 -16.55
N SER A 159 -24.16 6.55 -16.83
CA SER A 159 -24.96 5.68 -17.68
C SER A 159 -26.38 5.50 -17.13
N LYS A 160 -26.57 5.61 -15.81
CA LYS A 160 -27.91 5.58 -15.22
C LYS A 160 -28.51 6.97 -15.06
N LYS A 161 -27.87 8.00 -15.66
CA LYS A 161 -28.36 9.38 -15.72
C LYS A 161 -28.35 10.09 -14.38
N CYS A 162 -27.52 9.62 -13.47
CA CYS A 162 -27.34 10.24 -12.16
C CYS A 162 -26.23 11.28 -12.23
N ILE A 163 -26.51 12.48 -11.75
CA ILE A 163 -25.52 13.52 -11.58
C ILE A 163 -25.20 13.66 -10.10
N HIS A 164 -23.94 13.51 -9.75
CA HIS A 164 -23.58 13.52 -8.35
C HIS A 164 -23.78 14.91 -7.74
N ARG A 165 -23.21 15.94 -8.36
CA ARG A 165 -23.23 17.37 -7.95
C ARG A 165 -22.23 17.72 -6.83
N ASP A 166 -21.53 16.73 -6.27
CA ASP A 166 -20.56 16.99 -5.20
C ASP A 166 -19.51 15.88 -5.18
N LEU A 167 -19.07 15.44 -6.35
CA LEU A 167 -17.97 14.48 -6.45
C LEU A 167 -16.67 15.07 -5.90
N ALA A 168 -16.06 14.37 -4.94
CA ALA A 168 -14.78 14.75 -4.34
C ALA A 168 -14.22 13.52 -3.61
N ALA A 169 -12.96 13.61 -3.18
CA ALA A 169 -12.37 12.47 -2.46
C ALA A 169 -13.07 12.22 -1.13
N ARG A 170 -13.61 13.27 -0.51
CA ARG A 170 -14.32 13.05 0.73
C ARG A 170 -15.58 12.22 0.54
N ASN A 171 -16.13 12.16 -0.68
CA ASN A 171 -17.29 11.33 -0.98
C ASN A 171 -16.93 10.08 -1.76
N VAL A 172 -15.67 9.67 -1.73
CA VAL A 172 -15.30 8.32 -2.14
C VAL A 172 -14.93 7.54 -0.88
N LEU A 173 -15.55 6.39 -0.69
CA LEU A 173 -15.26 5.56 0.48
C LEU A 173 -14.44 4.36 0.06
N VAL A 174 -13.58 3.89 0.96
CA VAL A 174 -12.67 2.78 0.71
C VAL A 174 -13.04 1.58 1.57
N THR A 175 -13.21 0.43 0.93
CA THR A 175 -13.62 -0.75 1.69
C THR A 175 -12.42 -1.45 2.27
N GLU A 176 -12.70 -2.48 3.09
CA GLU A 176 -11.64 -3.27 3.70
C GLU A 176 -10.73 -3.89 2.65
N ASP A 177 -11.24 -4.12 1.44
CA ASP A 177 -10.44 -4.67 0.35
C ASP A 177 -9.90 -3.57 -0.58
N ASN A 178 -9.78 -2.33 -0.11
CA ASN A 178 -9.31 -1.19 -0.93
C ASN A 178 -10.12 -1.03 -2.23
N VAL A 179 -11.43 -1.17 -2.14
CA VAL A 179 -12.34 -0.94 -3.27
C VAL A 179 -12.91 0.46 -3.13
N MET A 180 -12.74 1.28 -4.16
CA MET A 180 -13.27 2.65 -4.18
C MET A 180 -14.77 2.62 -4.45
N LYS A 181 -15.55 3.30 -3.61
CA LYS A 181 -17.00 3.38 -3.76
C LYS A 181 -17.47 4.83 -3.67
N ILE A 182 -18.16 5.30 -4.70
CA ILE A 182 -18.75 6.63 -4.64
C ILE A 182 -19.91 6.63 -3.65
N ALA A 183 -19.89 7.58 -2.73
CA ALA A 183 -20.91 7.77 -1.72
C ALA A 183 -21.74 9.00 -2.02
N ASP A 184 -22.97 8.98 -1.51
CA ASP A 184 -23.85 10.14 -1.42
C ASP A 184 -24.32 10.63 -2.79
N PHE A 185 -24.24 9.77 -3.81
CA PHE A 185 -24.74 10.09 -5.13
C PHE A 185 -26.26 10.24 -5.20
N GLY A 186 -26.99 9.79 -4.20
CA GLY A 186 -28.43 9.90 -4.20
C GLY A 186 -29.00 10.96 -3.29
N LEU A 187 -28.18 11.85 -2.72
CA LEU A 187 -28.71 12.85 -1.81
C LEU A 187 -29.65 13.82 -2.52
N ALA A 188 -30.65 14.27 -1.78
CA ALA A 188 -31.54 15.32 -2.22
C ALA A 188 -30.94 16.65 -1.82
N ARG A 189 -30.64 17.51 -2.79
CA ARG A 189 -30.01 18.79 -2.47
C ARG A 189 -30.66 19.88 -3.30
N ASP A 190 -31.19 20.90 -2.62
CA ASP A 190 -31.73 22.04 -3.32
C ASP A 190 -30.53 22.90 -3.71
N ILE A 191 -30.14 22.80 -4.99
CA ILE A 191 -28.93 23.49 -5.44
C ILE A 191 -29.05 25.00 -5.21
N HIS A 192 -30.27 25.53 -5.25
CA HIS A 192 -30.52 26.95 -5.00
C HIS A 192 -30.53 27.31 -3.51
N HIS A 193 -30.07 26.39 -2.66
CA HIS A 193 -29.92 26.61 -1.22
C HIS A 193 -28.50 26.35 -0.73
N ILE A 194 -27.55 26.13 -1.65
CA ILE A 194 -26.19 25.83 -1.22
C ILE A 194 -25.62 27.07 -0.53
N ASP A 195 -24.97 26.85 0.60
CA ASP A 195 -24.20 27.89 1.27
C ASP A 195 -22.79 27.87 0.68
N TYR A 196 -22.49 28.85 -0.17
CA TYR A 196 -21.17 28.88 -0.82
C TYR A 196 -20.06 29.01 0.21
N TYR A 197 -20.30 29.75 1.30
CA TYR A 197 -19.31 29.94 2.35
C TYR A 197 -19.22 28.77 3.34
N LYS A 198 -20.16 27.83 3.32
CA LYS A 198 -20.13 26.75 4.29
C LYS A 198 -18.90 25.87 4.07
N LYS A 199 -18.21 25.54 5.16
CA LYS A 199 -16.99 24.74 5.16
C LYS A 199 -17.29 23.30 5.58
N THR A 200 -16.53 22.36 5.02
CA THR A 200 -16.54 20.97 5.49
C THR A 200 -16.05 20.91 6.94
N THR A 201 -16.20 19.73 7.57
CA THR A 201 -15.66 19.58 8.91
C THR A 201 -14.14 19.61 8.92
N ASN A 202 -13.50 19.50 7.76
CA ASN A 202 -12.06 19.64 7.65
C ASN A 202 -11.60 21.08 7.50
N GLY A 203 -12.50 22.00 7.13
CA GLY A 203 -12.13 23.40 6.95
C GLY A 203 -12.01 23.86 5.51
N ARG A 204 -12.27 23.00 4.53
CA ARG A 204 -12.26 23.36 3.11
C ARG A 204 -13.67 23.79 2.65
N LEU A 205 -13.69 24.41 1.47
CA LEU A 205 -14.90 25.02 0.91
C LEU A 205 -15.38 24.19 -0.28
N PRO A 206 -16.53 23.52 -0.21
CA PRO A 206 -16.93 22.61 -1.30
C PRO A 206 -16.99 23.28 -2.67
N VAL A 207 -17.18 24.61 -2.75
CA VAL A 207 -17.22 25.34 -4.03
C VAL A 207 -15.96 25.09 -4.87
N LYS A 208 -14.86 24.72 -4.21
CA LYS A 208 -13.61 24.43 -4.90
C LYS A 208 -13.64 23.15 -5.72
N TRP A 209 -14.74 22.39 -5.71
CA TRP A 209 -14.92 21.26 -6.60
C TRP A 209 -15.93 21.53 -7.71
N MET A 210 -16.62 22.67 -7.68
CA MET A 210 -17.70 22.95 -8.62
C MET A 210 -17.16 23.51 -9.93
N ALA A 211 -17.69 22.98 -11.03
CA ALA A 211 -17.41 23.58 -12.32
C ALA A 211 -17.89 25.03 -12.33
N PRO A 212 -17.19 25.92 -13.03
CA PRO A 212 -17.64 27.33 -13.12
C PRO A 212 -19.10 27.48 -13.50
N GLU A 213 -19.57 26.71 -14.49
CA GLU A 213 -20.96 26.84 -14.91
C GLU A 213 -21.92 26.36 -13.79
N ALA A 214 -21.50 25.41 -12.95
CA ALA A 214 -22.33 25.03 -11.81
C ALA A 214 -22.27 26.09 -10.72
N LEU A 215 -21.07 26.59 -10.42
CA LEU A 215 -20.89 27.60 -9.38
C LEU A 215 -21.55 28.92 -9.75
N PHE A 216 -21.30 29.42 -10.97
CA PHE A 216 -21.82 30.74 -11.35
C PHE A 216 -23.26 30.69 -11.81
N ASP A 217 -23.67 29.62 -12.50
CA ASP A 217 -24.96 29.59 -13.17
C ASP A 217 -25.90 28.50 -12.68
N ARG A 218 -25.50 27.75 -11.64
CA ARG A 218 -26.32 26.66 -11.06
C ARG A 218 -26.74 25.62 -12.11
N ILE A 219 -25.85 25.30 -13.03
CA ILE A 219 -26.14 24.34 -14.09
C ILE A 219 -25.29 23.10 -13.84
N TYR A 220 -25.95 22.02 -13.43
CA TYR A 220 -25.28 20.77 -13.10
C TYR A 220 -25.55 19.74 -14.18
N THR A 221 -24.50 19.08 -14.61
CA THR A 221 -24.55 18.15 -15.73
C THR A 221 -23.52 17.07 -15.44
N HIS A 222 -23.53 16.05 -16.31
CA HIS A 222 -22.46 15.06 -16.26
C HIS A 222 -21.11 15.72 -16.50
N GLN A 223 -21.10 16.80 -17.30
CA GLN A 223 -19.89 17.56 -17.62
C GLN A 223 -19.35 18.30 -16.42
N SER A 224 -20.22 18.89 -15.59
CA SER A 224 -19.70 19.48 -14.36
C SER A 224 -19.15 18.42 -13.41
N ASP A 225 -19.74 17.21 -13.40
CA ASP A 225 -19.15 16.11 -12.60
C ASP A 225 -17.76 15.78 -13.09
N VAL A 226 -17.53 15.87 -14.41
CA VAL A 226 -16.21 15.55 -14.93
C VAL A 226 -15.18 16.60 -14.46
N TRP A 227 -15.56 17.88 -14.45
CA TRP A 227 -14.74 18.90 -13.79
C TRP A 227 -14.35 18.47 -12.36
N SER A 228 -15.34 18.05 -11.59
CA SER A 228 -15.09 17.66 -10.21
C SER A 228 -14.15 16.46 -10.15
N PHE A 229 -14.31 15.52 -11.10
CA PHE A 229 -13.37 14.41 -11.18
C PHE A 229 -11.93 14.89 -11.40
N GLY A 230 -11.75 15.93 -12.21
CA GLY A 230 -10.41 16.49 -12.39
C GLY A 230 -9.81 16.95 -11.08
N VAL A 231 -10.57 17.71 -10.28
CA VAL A 231 -10.12 18.09 -8.95
C VAL A 231 -9.83 16.85 -8.10
N LEU A 232 -10.68 15.84 -8.19
CA LEU A 232 -10.46 14.60 -7.45
C LEU A 232 -9.15 13.94 -7.86
N LEU A 233 -8.87 13.89 -9.17
CA LEU A 233 -7.57 13.43 -9.66
C LEU A 233 -6.44 14.19 -8.99
N TRP A 234 -6.56 15.53 -8.96
CA TRP A 234 -5.54 16.35 -8.30
C TRP A 234 -5.37 15.95 -6.84
N GLU A 235 -6.46 15.61 -6.16
CA GLU A 235 -6.39 15.10 -4.78
C GLU A 235 -5.63 13.79 -4.71
N ILE A 236 -5.85 12.88 -5.65
CA ILE A 236 -5.16 11.60 -5.61
C ILE A 236 -3.66 11.81 -5.74
N PHE A 237 -3.23 12.64 -6.68
CA PHE A 237 -1.81 12.67 -6.94
C PHE A 237 -1.06 13.66 -6.04
N THR A 238 -1.78 14.40 -5.20
CA THR A 238 -1.19 15.10 -4.06
C THR A 238 -1.39 14.33 -2.75
N LEU A 239 -1.84 13.07 -2.82
CA LEU A 239 -2.07 12.23 -1.64
C LEU A 239 -2.93 12.95 -0.59
N GLY A 240 -4.04 13.54 -1.05
CA GLY A 240 -4.95 14.21 -0.16
C GLY A 240 -4.74 15.70 -0.02
N GLY A 241 -4.11 16.33 -1.01
CA GLY A 241 -3.88 17.77 -0.94
C GLY A 241 -5.17 18.57 -0.93
N SER A 242 -5.03 19.83 -0.47
CA SER A 242 -6.17 20.74 -0.36
C SER A 242 -6.20 21.67 -1.56
N PRO A 243 -7.25 21.66 -2.37
CA PRO A 243 -7.30 22.55 -3.55
C PRO A 243 -7.40 24.01 -3.13
N TYR A 244 -6.62 24.86 -3.80
CA TYR A 244 -6.61 26.30 -3.57
C TYR A 244 -6.45 26.65 -2.08
N PRO A 245 -5.38 26.20 -1.42
CA PRO A 245 -5.28 26.43 0.03
C PRO A 245 -5.20 27.93 0.35
N GLY A 246 -5.97 28.34 1.36
CA GLY A 246 -6.05 29.70 1.82
C GLY A 246 -6.92 30.62 1.00
N VAL A 247 -7.53 30.13 -0.07
CA VAL A 247 -8.29 30.96 -0.99
C VAL A 247 -9.73 31.04 -0.49
N PRO A 248 -10.20 32.20 -0.05
CA PRO A 248 -11.61 32.31 0.35
C PRO A 248 -12.52 32.36 -0.88
N VAL A 249 -13.82 32.31 -0.61
CA VAL A 249 -14.81 32.18 -1.67
C VAL A 249 -14.64 33.27 -2.72
N GLU A 250 -14.69 34.54 -2.29
CA GLU A 250 -14.71 35.65 -3.25
C GLU A 250 -13.51 35.61 -4.19
N GLU A 251 -12.33 35.25 -3.67
CA GLU A 251 -11.14 35.16 -4.53
C GLU A 251 -11.15 33.93 -5.42
N LEU A 252 -11.81 32.85 -4.99
CA LEU A 252 -12.00 31.73 -5.90
C LEU A 252 -12.79 32.18 -7.13
N PHE A 253 -13.83 32.99 -6.92
CA PHE A 253 -14.60 33.49 -8.06
C PHE A 253 -13.71 34.23 -9.03
N LYS A 254 -12.84 35.09 -8.50
CA LYS A 254 -11.90 35.83 -9.33
C LYS A 254 -11.01 34.89 -10.14
N LEU A 255 -10.38 33.92 -9.47
CA LEU A 255 -9.47 33.00 -10.16
C LEU A 255 -10.18 32.26 -11.30
N LEU A 256 -11.40 31.80 -11.07
CA LEU A 256 -12.13 31.09 -12.12
C LEU A 256 -12.56 32.04 -13.24
N LYS A 257 -13.06 33.23 -12.92
CA LYS A 257 -13.36 34.21 -13.98
C LYS A 257 -12.14 34.49 -14.84
N GLU A 258 -10.93 34.41 -14.27
CA GLU A 258 -9.68 34.62 -15.01
C GLU A 258 -9.11 33.34 -15.63
N GLY A 259 -9.80 32.21 -15.56
CA GLY A 259 -9.31 31.00 -16.17
C GLY A 259 -8.16 30.32 -15.44
N HIS A 260 -7.97 30.60 -14.16
CA HIS A 260 -6.91 29.95 -13.40
C HIS A 260 -7.08 28.43 -13.37
N ARG A 261 -5.96 27.71 -13.34
CA ARG A 261 -5.93 26.26 -13.33
C ARG A 261 -4.82 25.83 -12.38
N MET A 262 -5.10 24.83 -11.54
CA MET A 262 -4.11 24.44 -10.55
C MET A 262 -2.86 23.90 -11.23
N ASP A 263 -1.74 24.02 -10.52
CA ASP A 263 -0.44 23.57 -11.02
C ASP A 263 -0.35 22.04 -11.03
N LYS A 264 0.54 21.54 -11.88
CA LYS A 264 0.80 20.11 -11.92
C LYS A 264 1.34 19.64 -10.57
N PRO A 265 0.72 18.64 -9.95
CA PRO A 265 1.27 18.07 -8.71
C PRO A 265 2.64 17.43 -8.95
N SER A 266 3.50 17.52 -7.93
CA SER A 266 4.75 16.79 -7.97
C SER A 266 4.49 15.28 -8.05
N ASN A 267 5.36 14.57 -8.77
CA ASN A 267 5.17 13.15 -9.05
C ASN A 267 3.77 12.93 -9.64
N CYS A 268 3.64 13.46 -10.85
CA CYS A 268 2.44 13.30 -11.64
C CYS A 268 2.90 13.40 -13.08
N THR A 269 2.64 12.36 -13.86
CA THR A 269 3.10 12.36 -15.23
C THR A 269 2.41 13.49 -15.99
N ASN A 270 3.06 13.97 -17.04
CA ASN A 270 2.42 14.98 -17.86
C ASN A 270 1.11 14.46 -18.45
N GLU A 271 1.04 13.16 -18.74
CA GLU A 271 -0.19 12.58 -19.28
C GLU A 271 -1.35 12.73 -18.31
N LEU A 272 -1.13 12.40 -17.02
CA LEU A 272 -2.21 12.48 -16.06
C LEU A 272 -2.57 13.93 -15.69
N TYR A 273 -1.66 14.89 -15.93
CA TYR A 273 -1.97 16.30 -15.70
C TYR A 273 -2.77 16.87 -16.87
N MET A 274 -2.47 16.40 -18.08
CA MET A 274 -3.30 16.70 -19.24
C MET A 274 -4.73 16.18 -19.05
N MET A 275 -4.88 14.97 -18.49
CA MET A 275 -6.22 14.52 -18.14
C MET A 275 -6.91 15.50 -17.21
N MET A 276 -6.20 15.95 -16.17
CA MET A 276 -6.80 16.94 -15.27
C MET A 276 -7.22 18.18 -16.05
N ARG A 277 -6.29 18.75 -16.82
CA ARG A 277 -6.58 19.96 -17.59
C ARG A 277 -7.74 19.73 -18.56
N ASP A 278 -7.82 18.53 -19.15
CA ASP A 278 -8.93 18.22 -20.06
C ASP A 278 -10.26 18.20 -19.30
N CYS A 279 -10.26 17.64 -18.09
CA CYS A 279 -11.45 17.71 -17.25
C CYS A 279 -11.79 19.15 -16.89
N TRP A 280 -10.81 20.03 -16.82
CA TRP A 280 -11.07 21.41 -16.47
C TRP A 280 -11.24 22.32 -17.69
N HIS A 281 -11.59 21.75 -18.85
CA HIS A 281 -11.84 22.54 -20.05
C HIS A 281 -12.86 23.62 -19.79
N ALA A 282 -12.57 24.82 -20.30
CA ALA A 282 -13.48 25.93 -20.13
C ALA A 282 -14.85 25.63 -20.75
N VAL A 283 -14.88 24.93 -21.88
CA VAL A 283 -16.12 24.63 -22.60
C VAL A 283 -16.60 23.24 -22.19
N PRO A 284 -17.76 23.12 -21.54
CA PRO A 284 -18.18 21.80 -20.99
C PRO A 284 -18.24 20.67 -22.01
N SER A 285 -18.78 20.94 -23.21
CA SER A 285 -18.86 19.97 -24.28
C SER A 285 -17.51 19.40 -24.69
N GLN A 286 -16.42 20.09 -24.41
CA GLN A 286 -15.11 19.61 -24.81
C GLN A 286 -14.42 18.74 -23.75
N ARG A 287 -14.96 18.67 -22.54
CA ARG A 287 -14.41 17.78 -21.53
C ARG A 287 -14.61 16.33 -21.96
N PRO A 288 -13.72 15.43 -21.54
CA PRO A 288 -13.94 14.01 -21.80
C PRO A 288 -15.14 13.51 -21.02
N THR A 289 -15.73 12.42 -21.51
CA THR A 289 -16.74 11.70 -20.74
C THR A 289 -16.07 10.76 -19.75
N PHE A 290 -16.85 10.28 -18.78
CA PHE A 290 -16.36 9.24 -17.88
C PHE A 290 -16.07 7.95 -18.66
N LYS A 291 -16.86 7.66 -19.69
CA LYS A 291 -16.57 6.52 -20.56
C LYS A 291 -15.18 6.65 -21.18
N GLN A 292 -14.86 7.84 -21.72
CA GLN A 292 -13.52 8.13 -22.22
C GLN A 292 -12.49 7.99 -21.13
N LEU A 293 -12.72 8.64 -19.98
CA LEU A 293 -11.76 8.63 -18.89
C LEU A 293 -11.46 7.21 -18.43
N VAL A 294 -12.50 6.35 -18.36
CA VAL A 294 -12.30 4.97 -17.96
C VAL A 294 -11.40 4.24 -18.95
N GLU A 295 -11.63 4.44 -20.25
CA GLU A 295 -10.79 3.82 -21.27
C GLU A 295 -9.34 4.27 -21.16
N ASP A 296 -9.12 5.56 -20.87
CA ASP A 296 -7.77 6.13 -20.79
C ASP A 296 -7.06 5.69 -19.53
N LEU A 297 -7.76 5.73 -18.38
CA LEU A 297 -7.14 5.29 -17.14
C LEU A 297 -6.83 3.81 -17.18
N ASP A 298 -7.73 3.01 -17.77
CA ASP A 298 -7.44 1.60 -17.98
C ASP A 298 -6.10 1.42 -18.69
N ARG A 299 -5.89 2.17 -19.79
CA ARG A 299 -4.65 2.08 -20.54
C ARG A 299 -3.46 2.56 -19.72
N ILE A 300 -3.62 3.69 -19.03
CA ILE A 300 -2.53 4.24 -18.21
C ILE A 300 -2.18 3.29 -17.05
N VAL A 301 -3.16 2.58 -16.49
CA VAL A 301 -2.85 1.64 -15.42
C VAL A 301 -1.94 0.54 -15.95
N ALA A 302 -2.35 -0.10 -17.05
CA ALA A 302 -1.54 -1.15 -17.67
C ALA A 302 -0.11 -0.70 -17.96
N LEU A 303 0.15 0.61 -18.04
CA LEU A 303 1.48 1.12 -18.37
C LEU A 303 2.24 1.72 -17.18
N THR A 304 1.63 1.78 -15.99
CA THR A 304 2.28 2.34 -14.82
C THR A 304 3.01 1.25 -14.03
N SER A 305 4.22 1.56 -13.60
CA SER A 305 5.14 0.59 -12.99
C SER A 305 4.63 -0.08 -11.72
N GLU B 7 -3.60 -17.20 23.84
CA GLU B 7 -4.52 -16.26 23.22
C GLU B 7 -4.18 -15.97 21.73
N LEU B 8 -3.38 -16.85 21.10
CA LEU B 8 -3.01 -16.67 19.69
C LEU B 8 -3.96 -17.45 18.78
N PRO B 9 -4.34 -16.85 17.64
CA PRO B 9 -5.30 -17.53 16.75
C PRO B 9 -4.66 -18.72 16.04
N GLU B 10 -5.48 -19.74 15.82
CA GLU B 10 -5.02 -20.96 15.17
C GLU B 10 -4.92 -20.81 13.65
N ASP B 11 -4.10 -21.67 13.05
CA ASP B 11 -4.00 -21.79 11.60
C ASP B 11 -3.53 -23.20 11.31
N PRO B 12 -4.45 -24.13 11.05
CA PRO B 12 -4.04 -25.52 10.76
C PRO B 12 -3.09 -25.68 9.59
N ARG B 13 -3.17 -24.78 8.60
CA ARG B 13 -2.31 -24.85 7.41
C ARG B 13 -0.83 -24.87 7.75
N TRP B 14 -0.44 -24.33 8.90
CA TRP B 14 0.95 -24.17 9.26
C TRP B 14 1.34 -24.73 10.62
N GLU B 15 0.38 -25.18 11.43
CA GLU B 15 0.67 -25.53 12.81
C GLU B 15 1.42 -26.86 12.89
N LEU B 16 2.45 -26.89 13.72
CA LEU B 16 3.20 -28.11 13.97
C LEU B 16 3.16 -28.43 15.46
N PRO B 17 2.90 -29.69 15.83
CA PRO B 17 2.85 -30.04 17.27
C PRO B 17 4.22 -29.87 17.91
N ARG B 18 4.22 -29.45 19.17
CA ARG B 18 5.48 -29.05 19.79
C ARG B 18 6.45 -30.21 19.96
N ASP B 19 5.94 -31.44 20.13
CA ASP B 19 6.83 -32.56 20.36
C ASP B 19 7.55 -33.02 19.09
N ARG B 20 7.17 -32.47 17.92
CA ARG B 20 7.88 -32.71 16.68
C ARG B 20 9.12 -31.81 16.52
N LEU B 21 9.42 -30.97 17.50
CA LEU B 21 10.46 -29.96 17.38
C LEU B 21 11.46 -30.09 18.51
N VAL B 22 12.71 -30.42 18.20
CA VAL B 22 13.75 -30.61 19.20
C VAL B 22 14.72 -29.43 19.08
N LEU B 23 14.63 -28.53 20.05
CA LEU B 23 15.40 -27.30 20.00
C LEU B 23 16.87 -27.56 20.23
N GLY B 24 17.71 -26.83 19.50
CA GLY B 24 19.16 -26.90 19.68
C GLY B 24 19.83 -25.59 20.05
N LYS B 25 21.03 -25.35 19.49
CA LYS B 25 21.90 -24.25 19.91
C LYS B 25 21.38 -22.90 19.40
N PRO B 26 21.60 -21.82 20.16
CA PRO B 26 21.30 -20.48 19.64
C PRO B 26 22.11 -20.15 18.39
N LEU B 27 21.49 -19.38 17.49
CA LEU B 27 22.11 -18.91 16.27
C LEU B 27 22.26 -17.39 16.31
N GLY B 28 23.41 -16.91 15.89
CA GLY B 28 23.60 -15.48 15.67
C GLY B 28 23.70 -14.61 16.89
N GLU B 29 23.93 -15.19 18.07
CA GLU B 29 24.13 -14.42 19.30
C GLU B 29 22.93 -13.55 19.64
N GLY B 30 21.74 -13.88 19.13
CA GLY B 30 20.58 -13.04 19.35
C GLY B 30 20.54 -11.75 18.59
N ALA B 31 21.52 -11.47 17.72
CA ALA B 31 21.54 -10.24 16.93
C ALA B 31 20.39 -10.16 15.93
N PHE B 32 19.69 -11.27 15.65
CA PHE B 32 18.55 -11.27 14.74
C PHE B 32 17.27 -11.74 15.42
N GLY B 33 17.18 -11.52 16.73
CA GLY B 33 16.11 -12.06 17.55
C GLY B 33 16.52 -13.39 18.15
N GLN B 34 15.67 -13.91 19.04
CA GLN B 34 15.96 -15.21 19.63
C GLN B 34 15.67 -16.28 18.60
N VAL B 35 16.72 -16.85 18.03
CA VAL B 35 16.63 -17.86 16.98
C VAL B 35 17.48 -19.05 17.40
N VAL B 36 16.95 -20.25 17.28
CA VAL B 36 17.70 -21.45 17.62
C VAL B 36 17.72 -22.39 16.42
N LEU B 37 18.83 -23.12 16.26
CA LEU B 37 18.82 -24.32 15.45
C LEU B 37 17.93 -25.36 16.10
N ALA B 38 17.29 -26.19 15.30
CA ALA B 38 16.34 -27.15 15.82
C ALA B 38 16.13 -28.25 14.77
N GLU B 39 15.63 -29.38 15.24
CA GLU B 39 15.29 -30.52 14.38
C GLU B 39 13.79 -30.78 14.38
N ALA B 40 13.24 -31.03 13.19
CA ALA B 40 11.80 -31.23 13.04
C ALA B 40 11.52 -32.62 12.47
N ILE B 41 10.80 -33.44 13.22
CA ILE B 41 10.37 -34.77 12.78
C ILE B 41 9.12 -34.62 11.94
N GLY B 42 9.24 -34.81 10.63
CA GLY B 42 8.10 -34.70 9.75
C GLY B 42 8.31 -33.72 8.62
N LEU B 43 7.36 -32.77 8.47
CA LEU B 43 7.34 -31.78 7.40
C LEU B 43 7.24 -32.42 6.00
N PRO B 48 7.70 -38.25 7.68
CA PRO B 48 7.00 -38.58 8.93
C PRO B 48 7.96 -39.06 10.00
N ASN B 49 9.06 -39.66 9.55
CA ASN B 49 10.17 -40.06 10.41
C ASN B 49 11.48 -39.42 9.96
N ARG B 50 11.42 -38.50 9.01
CA ARG B 50 12.59 -37.79 8.54
C ARG B 50 12.79 -36.50 9.33
N VAL B 51 14.04 -36.28 9.76
CA VAL B 51 14.42 -35.12 10.55
C VAL B 51 15.01 -34.06 9.63
N THR B 52 14.41 -32.88 9.65
CA THR B 52 14.89 -31.72 8.91
C THR B 52 15.48 -30.71 9.90
N LYS B 53 16.71 -30.24 9.62
CA LYS B 53 17.27 -29.15 10.41
C LYS B 53 16.66 -27.83 9.96
N VAL B 54 16.18 -27.06 10.94
CA VAL B 54 15.44 -25.83 10.70
C VAL B 54 15.92 -24.77 11.67
N ALA B 55 15.58 -23.52 11.39
CA ALA B 55 15.77 -22.42 12.29
C ALA B 55 14.42 -22.01 12.88
N VAL B 56 14.41 -21.70 14.16
CA VAL B 56 13.18 -21.42 14.92
C VAL B 56 13.34 -20.07 15.60
N LYS B 57 12.37 -19.19 15.41
CA LYS B 57 12.42 -17.82 15.93
C LYS B 57 11.35 -17.69 17.01
N MET B 58 11.71 -17.11 18.14
CA MET B 58 10.75 -16.90 19.22
C MET B 58 11.03 -15.55 19.85
N LEU B 59 10.14 -15.16 20.75
CA LEU B 59 10.38 -13.98 21.57
C LEU B 59 11.37 -14.30 22.68
N LYS B 60 12.01 -13.24 23.16
CA LYS B 60 12.79 -13.30 24.39
C LYS B 60 11.82 -13.20 25.58
N SER B 61 12.29 -13.62 26.76
CA SER B 61 11.42 -13.57 27.94
C SER B 61 11.04 -12.12 28.27
N ASP B 62 11.99 -11.23 28.02
CA ASP B 62 11.89 -9.78 27.91
C ASP B 62 10.63 -9.25 27.23
N ALA B 63 10.17 -9.95 26.19
CA ALA B 63 9.32 -9.33 25.18
C ALA B 63 8.10 -8.66 25.78
N THR B 64 7.61 -7.68 25.04
CA THR B 64 6.40 -6.95 25.37
C THR B 64 5.30 -7.43 24.44
N GLU B 65 4.06 -7.01 24.73
CA GLU B 65 2.98 -7.33 23.79
C GLU B 65 3.24 -6.70 22.41
N LYS B 66 4.14 -5.71 22.35
CA LYS B 66 4.58 -5.18 21.07
C LYS B 66 5.43 -6.19 20.32
N ASP B 67 6.54 -6.62 20.93
CA ASP B 67 7.41 -7.62 20.32
C ASP B 67 6.62 -8.83 19.81
N LEU B 68 5.49 -9.15 20.46
CA LEU B 68 4.73 -10.34 20.05
C LEU B 68 3.99 -10.11 18.75
N SER B 69 3.30 -8.96 18.61
CA SER B 69 2.60 -8.71 17.35
C SER B 69 3.58 -8.43 16.21
N ASP B 70 4.74 -7.84 16.51
CA ASP B 70 5.82 -7.73 15.51
C ASP B 70 6.21 -9.11 14.98
N LEU B 71 6.37 -10.09 15.89
CA LEU B 71 6.73 -11.44 15.47
C LEU B 71 5.61 -12.10 14.68
N ILE B 72 4.35 -11.85 15.07
CA ILE B 72 3.23 -12.42 14.33
C ILE B 72 3.09 -11.77 12.96
N SER B 73 3.28 -10.44 12.91
CA SER B 73 3.29 -9.73 11.62
C SER B 73 4.28 -10.38 10.67
N GLU B 74 5.48 -10.68 11.16
CA GLU B 74 6.53 -11.25 10.32
C GLU B 74 6.13 -12.62 9.80
N MET B 75 5.40 -13.40 10.59
CA MET B 75 4.99 -14.73 10.15
C MET B 75 3.85 -14.63 9.15
N GLU B 76 2.92 -13.72 9.41
CA GLU B 76 1.80 -13.53 8.50
C GLU B 76 2.30 -13.04 7.15
N MET B 77 3.24 -12.08 7.19
CA MET B 77 3.91 -11.61 5.98
C MET B 77 4.50 -12.76 5.17
N MET B 78 5.27 -13.63 5.83
CA MET B 78 5.83 -14.79 5.15
C MET B 78 4.73 -15.64 4.53
N LYS B 79 3.58 -15.78 5.21
CA LYS B 79 2.46 -16.52 4.65
C LYS B 79 1.95 -15.86 3.37
N MET B 80 1.67 -14.55 3.44
CA MET B 80 1.23 -13.79 2.26
C MET B 80 2.21 -13.91 1.10
N ILE B 81 3.50 -13.81 1.39
CA ILE B 81 4.46 -13.63 0.31
C ILE B 81 4.64 -14.92 -0.49
N GLY B 82 4.65 -16.06 0.16
CA GLY B 82 4.70 -17.32 -0.54
C GLY B 82 6.11 -17.81 -0.80
N LYS B 83 6.19 -19.05 -1.27
CA LYS B 83 7.47 -19.74 -1.40
C LYS B 83 8.27 -19.32 -2.63
N HIS B 84 9.61 -19.29 -2.47
CA HIS B 84 10.56 -19.09 -3.56
C HIS B 84 11.91 -19.64 -3.12
N LYS B 85 12.65 -20.24 -4.07
CA LYS B 85 13.89 -20.94 -3.74
C LYS B 85 14.97 -19.99 -3.22
N ASN B 86 14.91 -18.71 -3.57
CA ASN B 86 15.96 -17.76 -3.17
C ASN B 86 15.50 -16.79 -2.08
N ILE B 87 14.53 -17.20 -1.27
CA ILE B 87 14.15 -16.50 -0.06
C ILE B 87 14.07 -17.54 1.05
N ILE B 88 14.22 -17.09 2.30
CA ILE B 88 14.00 -17.96 3.46
C ILE B 88 12.51 -18.23 3.58
N ASN B 89 12.13 -19.50 3.46
CA ASN B 89 10.69 -19.81 3.46
C ASN B 89 10.19 -20.16 4.86
N LEU B 90 8.94 -19.84 5.09
CA LEU B 90 8.21 -20.33 6.25
C LEU B 90 8.00 -21.83 6.14
N LEU B 91 8.44 -22.59 7.15
CA LEU B 91 8.17 -24.02 7.16
C LEU B 91 7.06 -24.43 8.11
N GLY B 92 6.74 -23.61 9.10
CA GLY B 92 5.69 -23.94 10.04
C GLY B 92 5.76 -23.07 11.28
N ALA B 93 4.89 -23.39 12.23
CA ALA B 93 4.69 -22.54 13.39
C ALA B 93 4.12 -23.37 14.55
N CYS B 94 4.44 -22.93 15.77
CA CYS B 94 3.80 -23.43 16.99
C CYS B 94 3.18 -22.21 17.66
N THR B 95 1.86 -22.05 17.54
CA THR B 95 1.15 -20.88 18.06
C THR B 95 0.34 -21.16 19.33
N GLN B 96 -0.10 -22.40 19.53
CA GLN B 96 -1.02 -22.75 20.61
C GLN B 96 -0.26 -23.27 21.81
N ASP B 97 -0.76 -22.94 23.00
CA ASP B 97 -0.33 -23.52 24.27
C ASP B 97 1.18 -23.42 24.50
N GLY B 98 1.67 -22.18 24.59
CA GLY B 98 3.08 -21.95 24.78
C GLY B 98 3.64 -20.91 23.83
N PRO B 99 4.97 -20.68 23.88
CA PRO B 99 5.54 -19.54 23.14
C PRO B 99 5.41 -19.73 21.64
N LEU B 100 5.11 -18.63 20.94
CA LEU B 100 5.15 -18.59 19.49
C LEU B 100 6.53 -19.00 18.96
N TYR B 101 6.52 -19.98 18.07
CA TYR B 101 7.71 -20.43 17.35
C TYR B 101 7.43 -20.24 15.86
N VAL B 102 8.29 -19.49 15.18
CA VAL B 102 8.21 -19.32 13.72
C VAL B 102 9.31 -20.19 13.11
N ILE B 103 8.94 -21.23 12.38
CA ILE B 103 9.93 -22.21 11.93
C ILE B 103 10.28 -21.87 10.49
N VAL B 104 11.56 -21.60 10.23
CA VAL B 104 11.98 -21.20 8.89
C VAL B 104 13.13 -22.08 8.43
N GLU B 105 13.45 -21.97 7.14
CA GLU B 105 14.52 -22.75 6.57
C GLU B 105 15.84 -22.40 7.25
N TYR B 106 16.70 -23.41 7.44
CA TYR B 106 18.00 -23.26 8.07
C TYR B 106 19.08 -23.08 7.00
N ALA B 107 20.00 -22.14 7.23
CA ALA B 107 21.07 -21.83 6.28
C ALA B 107 22.40 -22.15 6.96
N SER B 108 22.90 -23.36 6.71
CA SER B 108 24.01 -23.90 7.51
C SER B 108 25.32 -23.13 7.31
N LYS B 109 25.49 -22.43 6.19
CA LYS B 109 26.76 -21.77 5.87
C LYS B 109 26.74 -20.25 6.09
N GLY B 110 25.80 -19.75 6.88
CA GLY B 110 25.88 -18.39 7.37
C GLY B 110 25.44 -17.36 6.35
N ASN B 111 25.57 -16.10 6.74
CA ASN B 111 25.21 -15.05 5.79
C ASN B 111 26.28 -14.95 4.70
N LEU B 112 25.98 -14.14 3.69
CA LEU B 112 26.81 -14.08 2.50
C LEU B 112 28.12 -13.33 2.74
N ARG B 113 28.13 -12.30 3.60
CA ARG B 113 29.37 -11.60 3.95
C ARG B 113 30.41 -12.57 4.55
N GLU B 114 29.99 -13.41 5.49
CA GLU B 114 30.89 -14.40 6.09
C GLU B 114 31.34 -15.42 5.05
N TYR B 115 30.39 -15.95 4.27
CA TYR B 115 30.66 -16.95 3.25
C TYR B 115 31.74 -16.49 2.27
N LEU B 116 31.59 -15.28 1.70
CA LEU B 116 32.59 -14.75 0.79
C LEU B 116 33.93 -14.58 1.48
N GLN B 117 33.92 -13.95 2.66
CA GLN B 117 35.15 -13.73 3.41
C GLN B 117 35.88 -15.05 3.69
N ALA B 118 35.16 -16.07 4.13
CA ALA B 118 35.86 -17.31 4.46
C ALA B 118 36.35 -18.07 3.23
N ARG B 119 36.17 -17.54 2.02
CA ARG B 119 36.57 -18.23 0.80
C ARG B 119 37.51 -17.38 -0.05
N ARG B 120 38.20 -16.45 0.58
CA ARG B 120 39.20 -15.64 -0.09
C ARG B 120 40.50 -16.42 -0.24
N PRO B 121 41.31 -16.12 -1.26
CA PRO B 121 42.69 -16.62 -1.32
C PRO B 121 43.61 -15.77 -0.46
N PRO B 122 44.89 -16.18 -0.27
CA PRO B 122 45.86 -15.25 0.35
C PRO B 122 46.91 -14.65 -0.60
N GLU B 135 36.77 -24.39 2.70
CA GLU B 135 37.46 -23.14 2.43
C GLU B 135 37.77 -22.97 0.93
N GLU B 136 37.11 -23.76 0.08
CA GLU B 136 37.35 -23.70 -1.37
C GLU B 136 36.87 -22.38 -1.96
N GLN B 137 37.67 -21.78 -2.84
CA GLN B 137 37.33 -20.47 -3.35
C GLN B 137 36.37 -20.58 -4.53
N LEU B 138 36.01 -19.44 -5.12
CA LEU B 138 34.85 -19.33 -5.97
C LEU B 138 35.29 -18.84 -7.35
N SER B 139 34.73 -19.46 -8.39
CA SER B 139 35.01 -19.04 -9.75
C SER B 139 34.40 -17.66 -10.01
N SER B 140 34.74 -17.10 -11.17
CA SER B 140 34.03 -15.90 -11.57
C SER B 140 32.56 -16.19 -11.86
N LYS B 141 32.24 -17.42 -12.26
CA LYS B 141 30.85 -17.76 -12.52
C LYS B 141 30.09 -18.05 -11.21
N ASP B 142 30.74 -18.65 -10.22
CA ASP B 142 30.14 -18.75 -8.90
C ASP B 142 29.72 -17.38 -8.37
N LEU B 143 30.57 -16.36 -8.57
CA LEU B 143 30.30 -15.03 -8.02
C LEU B 143 29.23 -14.31 -8.80
N VAL B 144 29.14 -14.51 -10.11
CA VAL B 144 28.02 -13.97 -10.85
C VAL B 144 26.75 -14.76 -10.55
N SER B 145 26.88 -16.09 -10.45
CA SER B 145 25.75 -16.93 -10.04
C SER B 145 25.13 -16.44 -8.73
N CYS B 146 25.98 -16.12 -7.75
CA CYS B 146 25.50 -15.59 -6.48
C CYS B 146 24.63 -14.35 -6.69
N ALA B 147 25.12 -13.39 -7.47
CA ALA B 147 24.39 -12.17 -7.77
C ALA B 147 23.07 -12.47 -8.48
N TYR B 148 23.08 -13.49 -9.35
CA TYR B 148 21.86 -13.89 -10.05
C TYR B 148 20.83 -14.39 -9.05
N GLN B 149 21.20 -15.39 -8.24
CA GLN B 149 20.30 -15.89 -7.21
C GLN B 149 19.74 -14.75 -6.34
N VAL B 150 20.59 -13.81 -5.92
CA VAL B 150 20.10 -12.77 -5.03
C VAL B 150 19.06 -11.92 -5.75
N ALA B 151 19.30 -11.64 -7.04
CA ALA B 151 18.38 -10.83 -7.82
C ALA B 151 17.10 -11.61 -8.14
N ARG B 152 17.22 -12.92 -8.37
CA ARG B 152 16.02 -13.75 -8.53
C ARG B 152 15.11 -13.64 -7.31
N GLY B 153 15.66 -13.84 -6.11
CA GLY B 153 14.85 -13.74 -4.91
C GLY B 153 14.23 -12.38 -4.75
N MET B 154 15.00 -11.32 -4.98
CA MET B 154 14.48 -9.96 -4.95
C MET B 154 13.43 -9.73 -6.02
N GLU B 155 13.58 -10.37 -7.18
CA GLU B 155 12.55 -10.27 -8.22
C GLU B 155 11.23 -10.83 -7.71
N TYR B 156 11.27 -12.00 -7.07
CA TYR B 156 10.07 -12.57 -6.48
C TYR B 156 9.48 -11.66 -5.40
N LEU B 157 10.33 -11.15 -4.49
CA LEU B 157 9.83 -10.31 -3.42
C LEU B 157 9.18 -9.04 -3.95
N ALA B 158 9.82 -8.38 -4.94
CA ALA B 158 9.20 -7.20 -5.53
C ALA B 158 7.91 -7.57 -6.25
N SER B 159 7.92 -8.71 -6.94
CA SER B 159 6.69 -9.17 -7.59
C SER B 159 5.56 -9.39 -6.59
N LYS B 160 5.88 -9.62 -5.31
CA LYS B 160 4.87 -9.77 -4.28
C LYS B 160 4.68 -8.51 -3.46
N LYS B 161 5.11 -7.35 -3.98
CA LYS B 161 4.94 -6.04 -3.36
C LYS B 161 5.78 -5.84 -2.09
N CYS B 162 6.87 -6.59 -1.90
CA CYS B 162 7.62 -6.52 -0.65
C CYS B 162 8.89 -5.70 -0.86
N ILE B 163 9.03 -4.65 -0.08
CA ILE B 163 10.23 -3.86 -0.04
C ILE B 163 11.07 -4.35 1.13
N HIS B 164 12.31 -4.74 0.87
CA HIS B 164 13.17 -5.20 1.96
C HIS B 164 13.57 -4.03 2.87
N ARG B 165 14.13 -2.96 2.30
CA ARG B 165 14.65 -1.80 3.01
C ARG B 165 15.98 -2.01 3.74
N ASP B 166 16.50 -3.23 3.84
CA ASP B 166 17.82 -3.48 4.43
C ASP B 166 18.52 -4.61 3.69
N LEU B 167 18.36 -4.63 2.36
CA LEU B 167 19.04 -5.63 1.55
C LEU B 167 20.55 -5.41 1.62
N ALA B 168 21.29 -6.48 1.94
CA ALA B 168 22.74 -6.44 2.09
C ALA B 168 23.24 -7.88 2.17
N ALA B 169 24.53 -8.08 1.92
CA ALA B 169 25.08 -9.43 2.02
C ALA B 169 24.84 -10.03 3.39
N ARG B 170 24.84 -9.19 4.43
CA ARG B 170 24.57 -9.69 5.78
C ARG B 170 23.17 -10.26 5.88
N ASN B 171 22.26 -9.89 4.98
CA ASN B 171 20.89 -10.39 5.04
C ASN B 171 20.59 -11.36 3.91
N VAL B 172 21.61 -11.95 3.30
CA VAL B 172 21.44 -13.11 2.42
C VAL B 172 22.07 -14.29 3.13
N LEU B 173 21.32 -15.35 3.35
CA LEU B 173 21.82 -16.54 4.01
C LEU B 173 22.13 -17.61 2.97
N VAL B 174 23.01 -18.55 3.34
CA VAL B 174 23.52 -19.55 2.40
C VAL B 174 23.32 -20.95 2.99
N THR B 175 22.65 -21.81 2.23
CA THR B 175 22.35 -23.17 2.68
C THR B 175 23.52 -24.11 2.40
N GLU B 176 23.34 -25.37 2.83
CA GLU B 176 24.35 -26.41 2.63
C GLU B 176 24.63 -26.65 1.15
N ASP B 177 23.62 -26.51 0.30
CA ASP B 177 23.81 -26.71 -1.13
C ASP B 177 24.16 -25.41 -1.84
N ASN B 178 24.70 -24.43 -1.10
CA ASN B 178 25.21 -23.18 -1.65
C ASN B 178 24.11 -22.32 -2.28
N VAL B 179 22.90 -22.37 -1.74
CA VAL B 179 21.77 -21.62 -2.30
C VAL B 179 21.63 -20.31 -1.54
N MET B 180 21.55 -19.21 -2.29
CA MET B 180 21.36 -17.88 -1.69
C MET B 180 19.89 -17.65 -1.38
N LYS B 181 19.60 -17.14 -0.17
CA LYS B 181 18.24 -16.95 0.30
C LYS B 181 18.15 -15.61 1.01
N ILE B 182 17.29 -14.72 0.51
CA ILE B 182 17.11 -13.43 1.17
C ILE B 182 16.41 -13.63 2.50
N ALA B 183 16.92 -12.98 3.55
CA ALA B 183 16.40 -13.12 4.90
C ALA B 183 15.86 -11.80 5.42
N ASP B 184 15.02 -11.92 6.46
CA ASP B 184 14.42 -10.80 7.18
C ASP B 184 13.68 -9.83 6.27
N PHE B 185 13.15 -10.33 5.14
CA PHE B 185 12.31 -9.50 4.29
C PHE B 185 10.96 -9.19 4.94
N GLY B 186 10.42 -10.08 5.75
CA GLY B 186 9.14 -9.93 6.41
C GLY B 186 9.22 -9.22 7.75
N LEU B 187 10.37 -8.66 8.10
CA LEU B 187 10.54 -7.99 9.38
C LEU B 187 9.58 -6.82 9.52
N ALA B 188 8.95 -6.72 10.67
CA ALA B 188 8.27 -5.50 11.05
C ALA B 188 9.31 -4.49 11.47
N ARG B 189 9.20 -3.27 10.96
CA ARG B 189 10.22 -2.26 11.28
C ARG B 189 9.64 -0.86 11.10
N ASP B 190 9.72 -0.04 12.14
CA ASP B 190 9.37 1.38 12.05
C ASP B 190 10.59 2.17 11.62
N HIS B 192 11.02 5.56 11.35
CA HIS B 192 11.24 6.78 12.12
C HIS B 192 12.17 6.50 13.30
N HIS B 193 12.30 5.22 13.64
CA HIS B 193 13.22 4.77 14.68
C HIS B 193 14.51 4.21 14.10
N ILE B 194 14.95 4.70 12.94
CA ILE B 194 16.20 4.27 12.32
C ILE B 194 17.32 5.10 12.92
N ASP B 195 18.02 4.55 13.91
CA ASP B 195 19.24 5.19 14.40
C ASP B 195 20.26 5.18 13.27
N TYR B 196 20.61 6.37 12.77
CA TYR B 196 21.55 6.43 11.66
C TYR B 196 22.94 6.00 12.10
N TYR B 197 23.28 6.19 13.38
CA TYR B 197 24.59 5.89 13.95
C TYR B 197 24.71 4.45 14.46
N LYS B 198 23.60 3.73 14.60
CA LYS B 198 23.66 2.36 15.09
C LYS B 198 24.44 1.49 14.11
N LYS B 199 25.43 0.77 14.63
CA LYS B 199 26.26 -0.11 13.83
C LYS B 199 25.72 -1.53 13.86
N THR B 200 26.13 -2.33 12.88
CA THR B 200 25.79 -3.74 12.86
C THR B 200 26.63 -4.50 13.90
N THR B 201 26.27 -5.77 14.12
CA THR B 201 27.08 -6.64 14.97
C THR B 201 28.54 -6.68 14.52
N ASN B 202 28.82 -6.28 13.28
CA ASN B 202 30.14 -6.33 12.68
C ASN B 202 30.87 -4.98 12.71
N GLY B 203 30.24 -3.93 13.23
CA GLY B 203 30.88 -2.63 13.29
C GLY B 203 30.65 -1.73 12.09
N ARG B 204 29.82 -2.13 11.15
CA ARG B 204 29.53 -1.35 9.95
C ARG B 204 28.23 -0.57 10.11
N LEU B 205 28.03 0.38 9.21
CA LEU B 205 26.89 1.30 9.30
C LEU B 205 25.86 0.96 8.25
N PRO B 206 24.66 0.52 8.64
CA PRO B 206 23.66 0.13 7.62
C PRO B 206 23.31 1.23 6.64
N VAL B 207 23.43 2.51 7.05
CA VAL B 207 23.17 3.64 6.14
C VAL B 207 23.92 3.50 4.82
N LYS B 208 25.05 2.78 4.83
CA LYS B 208 25.91 2.68 3.65
C LYS B 208 25.29 1.83 2.55
N TRP B 209 24.17 1.17 2.81
CA TRP B 209 23.43 0.43 1.81
C TRP B 209 22.16 1.13 1.34
N MET B 210 21.83 2.29 1.90
CA MET B 210 20.56 2.96 1.65
C MET B 210 20.65 3.95 0.51
N ALA B 211 19.65 3.93 -0.38
CA ALA B 211 19.58 4.89 -1.45
C ALA B 211 19.37 6.29 -0.87
N PRO B 212 19.82 7.34 -1.58
CA PRO B 212 19.78 8.68 -1.00
C PRO B 212 18.36 9.20 -0.77
N GLU B 213 17.40 8.87 -1.64
CA GLU B 213 16.03 9.30 -1.38
C GLU B 213 15.47 8.67 -0.11
N ALA B 214 15.83 7.41 0.17
CA ALA B 214 15.41 6.76 1.40
C ALA B 214 16.20 7.27 2.60
N LEU B 215 17.40 7.77 2.34
CA LEU B 215 18.25 8.32 3.40
C LEU B 215 17.78 9.70 3.80
N PHE B 216 17.56 10.58 2.81
CA PHE B 216 17.29 12.01 3.02
C PHE B 216 15.80 12.32 3.13
N ASP B 217 14.96 11.61 2.37
CA ASP B 217 13.53 11.88 2.32
C ASP B 217 12.67 10.76 2.88
N ARG B 218 13.28 9.65 3.30
CA ARG B 218 12.58 8.52 3.92
C ARG B 218 11.58 7.88 2.95
N ILE B 219 11.97 7.80 1.68
CA ILE B 219 11.13 7.26 0.61
C ILE B 219 11.69 5.89 0.26
N TYR B 220 11.03 4.83 0.69
CA TYR B 220 11.46 3.48 0.35
C TYR B 220 10.60 2.95 -0.79
N THR B 221 11.23 2.39 -1.82
CA THR B 221 10.52 1.79 -2.95
C THR B 221 11.28 0.54 -3.36
N HIS B 222 10.74 -0.16 -4.35
CA HIS B 222 11.52 -1.23 -4.96
C HIS B 222 12.78 -0.69 -5.63
N GLN B 223 12.87 0.62 -5.87
CA GLN B 223 14.04 1.20 -6.53
CA GLN B 223 14.05 1.15 -6.53
C GLN B 223 15.16 1.49 -5.53
N SER B 224 14.82 1.93 -4.32
CA SER B 224 15.87 2.08 -3.31
C SER B 224 16.51 0.72 -2.99
N ASP B 225 15.69 -0.36 -3.01
CA ASP B 225 16.21 -1.72 -2.84
C ASP B 225 17.21 -2.05 -3.93
N VAL B 226 16.98 -1.53 -5.14
CA VAL B 226 17.91 -1.74 -6.26
C VAL B 226 19.23 -1.03 -5.98
N TRP B 227 19.18 0.13 -5.36
CA TRP B 227 20.42 0.77 -4.91
C TRP B 227 21.16 -0.13 -3.93
N SER B 228 20.45 -0.61 -2.91
CA SER B 228 21.01 -1.56 -1.95
C SER B 228 21.61 -2.77 -2.64
N PHE B 229 20.92 -3.29 -3.67
CA PHE B 229 21.47 -4.40 -4.43
C PHE B 229 22.77 -4.02 -5.13
N GLY B 230 22.87 -2.76 -5.55
CA GLY B 230 24.13 -2.25 -6.03
C GLY B 230 25.27 -2.43 -5.03
N VAL B 231 25.09 -1.94 -3.80
CA VAL B 231 26.12 -2.11 -2.79
C VAL B 231 26.37 -3.58 -2.52
N LEU B 232 25.33 -4.43 -2.62
CA LEU B 232 25.49 -5.87 -2.36
C LEU B 232 26.36 -6.53 -3.43
N LEU B 233 26.14 -6.16 -4.69
CA LEU B 233 26.99 -6.61 -5.80
C LEU B 233 28.44 -6.27 -5.54
N TRP B 234 28.69 -5.01 -5.13
CA TRP B 234 30.01 -4.57 -4.73
C TRP B 234 30.60 -5.49 -3.68
N GLU B 235 29.79 -5.85 -2.65
CA GLU B 235 30.27 -6.79 -1.63
C GLU B 235 30.56 -8.15 -2.22
N ILE B 236 29.77 -8.59 -3.19
CA ILE B 236 30.06 -9.86 -3.82
C ILE B 236 31.45 -9.83 -4.44
N PHE B 237 31.71 -8.84 -5.29
CA PHE B 237 32.92 -8.89 -6.08
C PHE B 237 34.15 -8.34 -5.36
N THR B 238 34.00 -7.81 -4.14
CA THR B 238 35.12 -7.57 -3.24
C THR B 238 35.25 -8.69 -2.23
N LEU B 239 34.50 -9.78 -2.44
CA LEU B 239 34.44 -10.96 -1.58
C LEU B 239 34.23 -10.59 -0.10
N GLY B 240 33.27 -9.72 0.15
CA GLY B 240 32.92 -9.35 1.50
C GLY B 240 33.51 -8.06 2.00
N GLY B 241 33.98 -7.18 1.11
CA GLY B 241 34.58 -5.94 1.54
C GLY B 241 33.59 -5.04 2.25
N SER B 242 34.13 -4.13 3.05
CA SER B 242 33.31 -3.18 3.78
C SER B 242 33.16 -1.92 2.95
N PRO B 243 31.94 -1.51 2.59
CA PRO B 243 31.79 -0.29 1.79
C PRO B 243 32.19 0.93 2.60
N TYR B 244 32.89 1.86 1.95
CA TYR B 244 33.27 3.13 2.54
C TYR B 244 34.03 2.95 3.87
N PRO B 245 35.14 2.22 3.87
CA PRO B 245 35.77 1.90 5.15
C PRO B 245 36.20 3.17 5.87
N GLY B 246 35.83 3.25 7.15
CA GLY B 246 36.19 4.37 7.99
C GLY B 246 35.43 5.67 7.77
N VAL B 247 34.38 5.66 6.95
CA VAL B 247 33.59 6.87 6.67
C VAL B 247 32.44 6.91 7.67
N PRO B 248 32.39 7.87 8.57
CA PRO B 248 31.26 7.96 9.50
C PRO B 248 30.04 8.56 8.80
N VAL B 249 28.93 8.56 9.52
CA VAL B 249 27.63 8.97 8.97
C VAL B 249 27.71 10.37 8.37
N GLU B 250 28.23 11.33 9.15
CA GLU B 250 28.27 12.72 8.71
C GLU B 250 28.94 12.85 7.32
N GLU B 251 30.06 12.15 7.11
CA GLU B 251 30.76 12.25 5.83
C GLU B 251 30.13 11.44 4.71
N LEU B 252 29.36 10.39 5.03
CA LEU B 252 28.70 9.64 3.96
C LEU B 252 27.65 10.50 3.27
N PHE B 253 26.89 11.27 4.06
CA PHE B 253 25.94 12.23 3.52
C PHE B 253 26.64 13.20 2.56
N LYS B 254 27.70 13.84 3.05
CA LYS B 254 28.54 14.70 2.23
C LYS B 254 28.93 14.02 0.92
N LEU B 255 29.48 12.80 1.02
CA LEU B 255 29.84 12.05 -0.19
C LEU B 255 28.64 11.88 -1.11
N LEU B 256 27.52 11.38 -0.56
CA LEU B 256 26.33 11.16 -1.38
C LEU B 256 25.83 12.49 -1.96
N LYS B 257 25.65 13.51 -1.12
CA LYS B 257 25.22 14.81 -1.63
C LYS B 257 26.07 15.26 -2.81
N GLU B 258 27.36 14.92 -2.80
CA GLU B 258 28.27 15.32 -3.86
C GLU B 258 28.27 14.37 -5.06
N GLY B 259 27.45 13.32 -5.05
CA GLY B 259 27.41 12.43 -6.19
C GLY B 259 28.50 11.36 -6.25
N HIS B 260 29.13 11.07 -5.12
CA HIS B 260 30.24 10.11 -5.08
C HIS B 260 29.72 8.69 -5.21
N ARG B 261 30.49 7.87 -5.93
CA ARG B 261 30.22 6.45 -6.12
C ARG B 261 31.49 5.66 -5.82
N MET B 262 31.34 4.49 -5.22
CA MET B 262 32.51 3.68 -4.93
C MET B 262 33.21 3.26 -6.23
N ASP B 263 34.52 2.99 -6.11
CA ASP B 263 35.36 2.61 -7.24
C ASP B 263 35.09 1.15 -7.65
N LYS B 264 35.49 0.84 -8.87
CA LYS B 264 35.33 -0.52 -9.40
C LYS B 264 36.27 -1.46 -8.66
N PRO B 265 35.76 -2.56 -8.11
CA PRO B 265 36.64 -3.58 -7.55
C PRO B 265 37.53 -4.18 -8.62
N SER B 266 38.74 -4.54 -8.22
CA SER B 266 39.54 -5.43 -9.03
C SER B 266 38.80 -6.74 -9.22
N ASN B 267 39.13 -7.44 -10.31
CA ASN B 267 38.48 -8.69 -10.65
C ASN B 267 36.96 -8.48 -10.75
N CYS B 268 36.61 -7.65 -11.71
CA CYS B 268 35.24 -7.24 -11.93
C CYS B 268 35.19 -6.55 -13.28
N THR B 269 34.37 -7.05 -14.18
CA THR B 269 34.28 -6.51 -15.52
C THR B 269 33.53 -5.17 -15.49
N ASN B 270 33.63 -4.43 -16.60
CA ASN B 270 32.94 -3.14 -16.72
C ASN B 270 31.44 -3.28 -16.90
N GLU B 271 30.99 -4.41 -17.45
CA GLU B 271 29.56 -4.70 -17.46
C GLU B 271 29.03 -4.75 -16.03
N LEU B 272 29.67 -5.57 -15.19
CA LEU B 272 29.28 -5.73 -13.79
C LEU B 272 29.37 -4.42 -13.01
N TYR B 273 30.33 -3.57 -13.36
CA TYR B 273 30.47 -2.29 -12.67
C TYR B 273 29.48 -1.25 -13.20
N MET B 274 29.20 -1.28 -14.52
CA MET B 274 28.12 -0.43 -15.03
C MET B 274 26.78 -0.82 -14.42
N MET B 275 26.55 -2.12 -14.21
CA MET B 275 25.37 -2.57 -13.46
C MET B 275 25.29 -1.91 -12.09
N MET B 276 26.40 -1.96 -11.30
CA MET B 276 26.46 -1.25 -10.03
C MET B 276 26.13 0.23 -10.18
N ARG B 277 26.80 0.91 -11.12
CA ARG B 277 26.53 2.32 -11.34
C ARG B 277 25.09 2.56 -11.76
N ASP B 278 24.60 1.72 -12.69
CA ASP B 278 23.18 1.72 -13.04
C ASP B 278 22.30 1.70 -11.78
N CYS B 279 22.48 0.67 -10.94
CA CYS B 279 21.76 0.59 -9.67
C CYS B 279 21.98 1.81 -8.79
N TRP B 280 23.08 2.56 -8.98
CA TRP B 280 23.34 3.73 -8.14
C TRP B 280 22.95 5.03 -8.82
N HIS B 281 22.06 4.97 -9.83
CA HIS B 281 21.61 6.18 -10.50
C HIS B 281 20.88 7.10 -9.52
N ALA B 282 21.16 8.41 -9.61
CA ALA B 282 20.56 9.34 -8.66
C ALA B 282 19.06 9.49 -8.85
N VAL B 283 18.52 9.13 -10.03
CA VAL B 283 17.08 9.20 -10.29
C VAL B 283 16.52 7.79 -10.12
N PRO B 284 15.71 7.53 -9.10
CA PRO B 284 15.12 6.18 -8.91
C PRO B 284 14.53 5.56 -10.16
N SER B 285 13.81 6.36 -10.96
CA SER B 285 13.13 5.86 -12.16
C SER B 285 14.11 5.30 -13.18
N GLN B 286 15.36 5.76 -13.17
CA GLN B 286 16.34 5.37 -14.18
C GLN B 286 17.16 4.15 -13.78
N ARG B 287 17.18 3.78 -12.50
CA ARG B 287 17.86 2.54 -12.13
C ARG B 287 17.09 1.38 -12.73
N PRO B 288 17.77 0.28 -13.03
CA PRO B 288 17.05 -0.88 -13.55
C PRO B 288 16.14 -1.45 -12.47
N THR B 289 15.27 -2.33 -12.92
CA THR B 289 14.40 -3.11 -12.07
C THR B 289 15.04 -4.46 -11.84
N PHE B 290 14.51 -5.18 -10.84
CA PHE B 290 15.05 -6.50 -10.59
C PHE B 290 14.76 -7.46 -11.74
N LYS B 291 13.66 -7.28 -12.48
CA LYS B 291 13.42 -8.14 -13.65
C LYS B 291 14.53 -7.94 -14.70
N GLN B 292 14.86 -6.67 -15.01
CA GLN B 292 16.00 -6.39 -15.89
C GLN B 292 17.28 -6.99 -15.34
N LEU B 293 17.58 -6.72 -14.06
CA LEU B 293 18.80 -7.23 -13.42
C LEU B 293 18.91 -8.73 -13.55
N VAL B 294 17.77 -9.44 -13.42
CA VAL B 294 17.78 -10.89 -13.51
C VAL B 294 18.05 -11.35 -14.95
N GLU B 295 17.44 -10.67 -15.93
CA GLU B 295 17.68 -11.00 -17.32
C GLU B 295 19.14 -10.73 -17.69
N ASP B 296 19.60 -9.49 -17.48
CA ASP B 296 21.01 -9.14 -17.62
C ASP B 296 21.92 -10.15 -16.92
N LEU B 297 21.58 -10.51 -15.67
CA LEU B 297 22.48 -11.38 -14.90
C LEU B 297 22.46 -12.81 -15.43
N ASP B 298 21.30 -13.26 -15.92
CA ASP B 298 21.26 -14.59 -16.55
C ASP B 298 22.19 -14.64 -17.75
N ARG B 299 22.15 -13.60 -18.59
CA ARG B 299 23.00 -13.55 -19.79
C ARG B 299 24.48 -13.53 -19.41
N ILE B 300 24.85 -12.69 -18.44
CA ILE B 300 26.24 -12.63 -18.01
C ILE B 300 26.70 -13.94 -17.38
N VAL B 301 25.79 -14.73 -16.80
CA VAL B 301 26.19 -16.02 -16.24
C VAL B 301 26.56 -17.00 -17.37
N ALA B 302 25.79 -16.99 -18.46
CA ALA B 302 26.04 -17.95 -19.54
C ALA B 302 27.37 -17.69 -20.23
N LEU B 303 27.80 -16.43 -20.27
CA LEU B 303 29.01 -16.00 -20.96
C LEU B 303 30.15 -15.67 -20.00
N THR B 304 30.29 -16.42 -18.90
CA THR B 304 31.37 -16.14 -17.93
C THR B 304 32.35 -17.32 -17.83
#